data_8Q5M
#
_entry.id   8Q5M
#
_cell.length_a   65.691
_cell.length_b   109.710
_cell.length_c   113.952
_cell.angle_alpha   90.000
_cell.angle_beta   90.000
_cell.angle_gamma   90.000
#
_symmetry.space_group_name_H-M   'P 21 21 21'
#
loop_
_entity.id
_entity.type
_entity.pdbx_description
1 polymer 'Restriction endonuclease (Eco15I)'
2 water water
#
_entity_poly.entity_id   1
_entity_poly.type   'polypeptide(L)'
_entity_poly.pdbx_seq_one_letter_code
;GSSYDWLNALNNLELLSLHSEILTQLRSRGVIRTKNNPVGDYAEWLVSNALGMTLLSNSSAGADAIDADGLKVQIKARRV
TPDNPSRQLSALRNYEAADFDYLIAVIFDETYNILDAYKIPHEVIRDYARHSDHVNAHIVNLKGAILTDPRVSSIKEDLI
VRSSASVNEAAMQT
;
_entity_poly.pdbx_strand_id   A,B,C,D
#
# COMPACT_ATOMS: atom_id res chain seq x y z
N SER A 3 -4.92 -8.49 -27.05
CA SER A 3 -5.40 -8.50 -25.67
C SER A 3 -6.17 -9.78 -25.41
N TYR A 4 -6.77 -9.89 -24.23
CA TYR A 4 -7.36 -11.15 -23.76
C TYR A 4 -8.72 -10.87 -23.13
N ASP A 5 -9.60 -10.25 -23.92
CA ASP A 5 -10.95 -9.95 -23.47
C ASP A 5 -11.80 -11.21 -23.27
N TRP A 6 -11.41 -12.33 -23.90
CA TRP A 6 -12.16 -13.57 -23.72
C TRP A 6 -12.10 -14.10 -22.30
N LEU A 7 -11.16 -13.61 -21.49
CA LEU A 7 -11.10 -14.00 -20.08
C LEU A 7 -12.38 -13.67 -19.35
N ASN A 8 -13.13 -12.67 -19.82
CA ASN A 8 -14.42 -12.32 -19.22
C ASN A 8 -15.41 -13.48 -19.28
N ALA A 9 -15.23 -14.43 -20.16
CA ALA A 9 -16.19 -15.51 -20.31
C ALA A 9 -15.85 -16.72 -19.46
N LEU A 10 -14.76 -16.67 -18.70
CA LEU A 10 -14.38 -17.76 -17.82
C LEU A 10 -14.94 -17.54 -16.42
N ASN A 11 -15.19 -18.64 -15.73
CA ASN A 11 -15.51 -18.54 -14.31
C ASN A 11 -14.21 -18.50 -13.49
N ASN A 12 -14.35 -18.10 -12.22
CA ASN A 12 -13.19 -17.91 -11.36
C ASN A 12 -12.36 -19.18 -11.21
N LEU A 13 -13.02 -20.33 -11.19
CA LEU A 13 -12.29 -21.59 -11.06
C LEU A 13 -11.44 -21.84 -12.29
N GLU A 14 -11.96 -21.48 -13.47
CA GLU A 14 -11.20 -21.61 -14.71
C GLU A 14 -10.04 -20.60 -14.77
N LEU A 15 -10.28 -19.36 -14.34
CA LEU A 15 -9.22 -18.36 -14.26
C LEU A 15 -8.05 -18.84 -13.40
N LEU A 16 -8.35 -19.38 -12.23
CA LEU A 16 -7.28 -19.83 -11.35
C LEU A 16 -6.58 -21.07 -11.90
N SER A 17 -7.34 -21.98 -12.51
CA SER A 17 -6.72 -23.17 -13.08
C SER A 17 -5.76 -22.77 -14.18
N LEU A 18 -6.17 -21.84 -15.03
CA LEU A 18 -5.32 -21.36 -16.10
C LEU A 18 -4.10 -20.63 -15.55
N HIS A 19 -4.30 -19.79 -14.53
CA HIS A 19 -3.19 -19.11 -13.89
C HIS A 19 -2.11 -20.09 -13.44
N SER A 20 -2.51 -21.21 -12.84
CA SER A 20 -1.53 -22.14 -12.31
C SER A 20 -0.85 -22.93 -13.42
N GLU A 21 -1.58 -23.22 -14.49
CA GLU A 21 -1.05 -23.95 -15.64
C GLU A 21 -0.05 -23.11 -16.44
N ILE A 22 -0.33 -21.82 -16.56
CA ILE A 22 0.61 -20.85 -17.12
C ILE A 22 1.92 -20.89 -16.35
N LEU A 23 1.84 -20.84 -15.02
CA LEU A 23 3.06 -20.84 -14.21
C LEU A 23 3.78 -22.17 -14.29
N THR A 24 3.04 -23.27 -14.39
CA THR A 24 3.68 -24.56 -14.60
C THR A 24 4.39 -24.60 -15.94
N GLN A 25 3.76 -24.04 -16.98
CA GLN A 25 4.39 -23.99 -18.30
C GLN A 25 5.68 -23.20 -18.27
N LEU A 26 5.68 -22.07 -17.57
CA LEU A 26 6.88 -21.26 -17.47
C LEU A 26 7.96 -21.98 -16.66
N ARG A 27 7.58 -22.66 -15.58
CA ARG A 27 8.56 -23.44 -14.81
C ARG A 27 9.18 -24.53 -15.65
N SER A 28 8.39 -25.15 -16.52
CA SER A 28 8.89 -26.25 -17.35
C SER A 28 9.88 -25.75 -18.39
N ARG A 29 9.77 -24.49 -18.79
CA ARG A 29 10.69 -23.87 -19.73
C ARG A 29 11.93 -23.32 -19.06
N GLY A 30 11.96 -23.31 -17.74
CA GLY A 30 13.06 -22.72 -17.02
C GLY A 30 13.00 -21.21 -16.94
N VAL A 31 11.86 -20.61 -17.31
CA VAL A 31 11.74 -19.16 -17.30
C VAL A 31 11.43 -18.66 -15.91
N ILE A 32 10.54 -19.36 -15.20
CA ILE A 32 10.20 -19.05 -13.82
C ILE A 32 10.71 -20.19 -12.95
N ARG A 33 11.21 -19.86 -11.76
CA ARG A 33 11.84 -20.84 -10.89
C ARG A 33 10.99 -21.19 -9.68
N THR A 34 10.10 -20.30 -9.28
CA THR A 34 9.19 -20.50 -8.17
C THR A 34 7.84 -19.95 -8.59
N LYS A 35 6.79 -20.27 -7.82
CA LYS A 35 5.46 -19.81 -8.20
C LYS A 35 5.12 -18.44 -7.60
N ASN A 36 6.07 -17.80 -6.93
CA ASN A 36 5.81 -16.63 -6.09
C ASN A 36 6.04 -15.29 -6.78
N ASN A 37 7.12 -15.14 -7.53
CA ASN A 37 7.49 -13.87 -8.17
C ASN A 37 7.77 -14.10 -9.64
N PRO A 38 6.72 -14.10 -10.47
CA PRO A 38 6.93 -14.35 -11.91
C PRO A 38 7.57 -13.19 -12.64
N VAL A 39 7.24 -11.94 -12.32
CA VAL A 39 7.90 -10.82 -13.00
C VAL A 39 9.37 -10.77 -12.60
N GLY A 40 9.64 -10.98 -11.30
CA GLY A 40 11.02 -11.03 -10.84
C GLY A 40 11.77 -12.22 -11.40
N ASP A 41 11.13 -13.38 -11.47
CA ASP A 41 11.81 -14.57 -12.00
C ASP A 41 12.09 -14.41 -13.48
N TYR A 42 11.22 -13.72 -14.20
CA TYR A 42 11.43 -13.49 -15.62
C TYR A 42 12.62 -12.55 -15.82
N ALA A 43 12.68 -11.48 -15.02
CA ALA A 43 13.83 -10.58 -15.05
C ALA A 43 15.13 -11.35 -14.84
N GLU A 44 15.16 -12.24 -13.86
CA GLU A 44 16.37 -13.00 -13.59
C GLU A 44 16.71 -13.91 -14.77
N TRP A 45 15.70 -14.52 -15.37
CA TRP A 45 15.94 -15.35 -16.54
C TRP A 45 16.49 -14.51 -17.69
N LEU A 46 15.95 -13.30 -17.85
CA LEU A 46 16.36 -12.41 -18.92
C LEU A 46 17.81 -11.97 -18.73
N VAL A 47 18.13 -11.40 -17.56
CA VAL A 47 19.47 -10.86 -17.34
C VAL A 47 20.49 -11.99 -17.28
N SER A 48 20.16 -13.09 -16.62
CA SER A 48 21.12 -14.19 -16.52
C SER A 48 21.49 -14.74 -17.90
N ASN A 49 20.50 -14.97 -18.76
CA ASN A 49 20.81 -15.49 -20.09
C ASN A 49 21.52 -14.45 -20.95
N ALA A 50 21.10 -13.18 -20.88
CA ALA A 50 21.71 -12.14 -21.69
C ALA A 50 23.18 -11.92 -21.30
N LEU A 51 23.48 -11.89 -20.01
CA LEU A 51 24.78 -11.47 -19.53
C LEU A 51 25.62 -12.64 -19.01
N GLY A 52 25.14 -13.87 -19.16
CA GLY A 52 25.88 -15.03 -18.72
C GLY A 52 26.05 -15.18 -17.22
N MET A 53 24.96 -15.01 -16.46
CA MET A 53 25.00 -15.18 -15.03
C MET A 53 24.43 -16.53 -14.64
N THR A 54 24.84 -17.00 -13.49
CA THR A 54 24.28 -18.22 -12.93
C THR A 54 23.37 -17.83 -11.78
N LEU A 55 22.12 -18.29 -11.86
CA LEU A 55 21.15 -18.01 -10.82
C LEU A 55 21.40 -18.92 -9.62
N LEU A 56 21.18 -18.37 -8.44
CA LEU A 56 21.31 -19.07 -7.17
C LEU A 56 19.92 -19.35 -6.61
N SER A 57 19.79 -20.45 -5.89
CA SER A 57 18.51 -20.84 -5.31
C SER A 57 18.13 -19.93 -4.14
N GLY A 62 21.03 -15.22 -0.12
CA GLY A 62 21.34 -13.79 -0.12
C GLY A 62 21.40 -13.15 -1.49
N ALA A 63 22.35 -13.60 -2.33
CA ALA A 63 22.46 -13.06 -3.68
C ALA A 63 21.63 -13.89 -4.65
N ASP A 64 21.13 -13.24 -5.68
CA ASP A 64 20.28 -13.93 -6.65
C ASP A 64 21.08 -14.63 -7.72
N ALA A 65 22.29 -14.13 -8.03
CA ALA A 65 23.06 -14.67 -9.14
C ALA A 65 24.53 -14.33 -8.96
N ILE A 66 25.37 -15.08 -9.68
CA ILE A 66 26.78 -14.77 -9.84
C ILE A 66 27.01 -14.38 -11.29
N ASP A 67 27.66 -13.25 -11.53
CA ASP A 67 27.76 -12.82 -12.91
C ASP A 67 28.95 -13.49 -13.57
N ALA A 68 29.20 -13.12 -14.82
CA ALA A 68 30.26 -13.76 -15.59
C ALA A 68 31.66 -13.46 -15.05
N ASP A 69 31.82 -12.47 -14.16
CA ASP A 69 33.12 -12.20 -13.55
C ASP A 69 33.19 -12.67 -12.10
N GLY A 70 32.19 -13.37 -11.61
CA GLY A 70 32.22 -13.90 -10.26
C GLY A 70 31.69 -12.96 -9.20
N LEU A 71 31.06 -11.86 -9.58
CA LEU A 71 30.50 -10.92 -8.61
C LEU A 71 29.10 -11.37 -8.21
N LYS A 72 28.70 -10.98 -7.01
CA LYS A 72 27.40 -11.35 -6.48
C LYS A 72 26.39 -10.26 -6.82
N VAL A 73 25.26 -10.67 -7.38
CA VAL A 73 24.29 -9.77 -7.97
C VAL A 73 22.94 -9.94 -7.29
N GLN A 74 22.29 -8.83 -6.98
CA GLN A 74 20.88 -8.84 -6.63
C GLN A 74 20.08 -8.38 -7.84
N ILE A 75 18.95 -9.05 -8.09
CA ILE A 75 18.10 -8.74 -9.23
C ILE A 75 16.69 -8.43 -8.74
N LYS A 76 16.20 -7.26 -9.10
CA LYS A 76 14.85 -6.85 -8.75
C LYS A 76 14.13 -6.34 -10.00
N ALA A 77 12.83 -6.56 -10.03
CA ALA A 77 12.00 -6.15 -11.17
C ALA A 77 10.73 -5.49 -10.67
N ARG A 78 10.17 -4.66 -11.54
CA ARG A 78 8.94 -3.90 -11.31
C ARG A 78 8.24 -3.75 -12.63
N ARG A 79 6.93 -3.95 -12.63
CA ARG A 79 6.11 -3.68 -13.80
C ARG A 79 5.28 -2.45 -13.47
N VAL A 80 5.39 -1.43 -14.33
CA VAL A 80 4.64 -0.20 -14.16
C VAL A 80 3.22 -0.41 -14.66
N THR A 81 2.25 -0.03 -13.83
CA THR A 81 0.86 -0.38 -14.14
C THR A 81 -0.01 0.87 -14.13
N PRO A 82 -1.32 0.77 -14.40
CA PRO A 82 -2.18 1.96 -14.28
C PRO A 82 -2.28 2.50 -12.86
N ASP A 83 -2.10 1.66 -11.84
CA ASP A 83 -2.21 2.13 -10.46
C ASP A 83 -1.14 3.16 -10.12
N ASN A 84 0.13 2.87 -10.48
CA ASN A 84 1.24 3.79 -10.19
C ASN A 84 2.38 3.53 -11.17
N PRO A 85 3.18 4.58 -11.50
CA PRO A 85 4.44 4.36 -12.22
C PRO A 85 5.68 4.60 -11.38
N SER A 86 5.56 4.54 -10.05
CA SER A 86 6.70 4.83 -9.18
C SER A 86 7.82 3.83 -9.39
N ARG A 87 9.06 4.32 -9.31
CA ARG A 87 10.25 3.51 -9.52
C ARG A 87 10.93 3.25 -8.19
N GLN A 88 10.28 2.41 -7.38
CA GLN A 88 10.77 2.06 -6.05
C GLN A 88 10.68 0.57 -5.79
N ASP A 99 24.35 -9.62 1.28
CA ASP A 99 25.67 -9.25 0.79
C ASP A 99 25.81 -9.47 -0.72
N PHE A 100 26.00 -8.39 -1.45
CA PHE A 100 26.05 -8.45 -2.90
C PHE A 100 26.91 -7.30 -3.41
N ASP A 101 27.49 -7.49 -4.58
CA ASP A 101 28.36 -6.46 -5.12
C ASP A 101 27.58 -5.37 -5.84
N TYR A 102 26.57 -5.75 -6.62
CA TYR A 102 25.72 -4.73 -7.23
C TYR A 102 24.32 -5.30 -7.40
N LEU A 103 23.37 -4.39 -7.56
CA LEU A 103 21.97 -4.71 -7.83
C LEU A 103 21.65 -4.39 -9.29
N ILE A 104 20.90 -5.26 -9.94
CA ILE A 104 20.32 -4.98 -11.25
C ILE A 104 18.82 -4.80 -11.06
N ALA A 105 18.32 -3.65 -11.50
CA ALA A 105 16.91 -3.28 -11.35
C ALA A 105 16.29 -3.11 -12.72
N VAL A 106 15.26 -3.92 -13.01
CA VAL A 106 14.58 -3.94 -14.31
C VAL A 106 13.19 -3.35 -14.14
N ILE A 107 12.80 -2.49 -15.08
CA ILE A 107 11.47 -1.90 -15.07
C ILE A 107 10.78 -2.28 -16.37
N PHE A 108 9.68 -3.00 -16.25
CA PHE A 108 8.87 -3.44 -17.38
C PHE A 108 7.68 -2.50 -17.53
N ASP A 109 7.21 -2.35 -18.77
CA ASP A 109 5.90 -1.78 -19.03
C ASP A 109 4.82 -2.85 -18.89
N GLU A 110 3.56 -2.46 -19.15
CA GLU A 110 2.42 -3.38 -18.97
C GLU A 110 2.59 -4.67 -19.76
N THR A 111 3.17 -4.61 -20.95
CA THR A 111 3.31 -5.77 -21.80
C THR A 111 4.70 -6.39 -21.73
N TYR A 112 5.45 -6.13 -20.64
CA TYR A 112 6.70 -6.80 -20.33
C TYR A 112 7.82 -6.44 -21.29
N ASN A 113 7.69 -5.34 -22.00
CA ASN A 113 8.85 -4.75 -22.62
C ASN A 113 9.62 -3.98 -21.58
N ILE A 114 10.93 -3.89 -21.78
CA ILE A 114 11.81 -3.26 -20.79
C ILE A 114 11.80 -1.77 -21.00
N LEU A 115 11.35 -1.02 -20.00
CA LEU A 115 11.47 0.43 -20.03
C LEU A 115 12.90 0.87 -19.71
N ASP A 116 13.45 0.36 -18.61
CA ASP A 116 14.78 0.69 -18.14
C ASP A 116 15.39 -0.50 -17.41
N ALA A 117 16.71 -0.56 -17.40
CA ALA A 117 17.44 -1.57 -16.64
C ALA A 117 18.71 -0.94 -16.11
N TYR A 118 18.89 -0.99 -14.80
CA TYR A 118 19.97 -0.25 -14.15
C TYR A 118 20.91 -1.20 -13.42
N LYS A 119 22.18 -0.86 -13.45
CA LYS A 119 23.19 -1.52 -12.65
C LYS A 119 23.58 -0.58 -11.51
N ILE A 120 23.30 -1.00 -10.28
CA ILE A 120 23.51 -0.15 -9.10
C ILE A 120 24.50 -0.82 -8.15
N PRO A 121 25.74 -0.34 -8.06
CA PRO A 121 26.69 -0.89 -7.09
C PRO A 121 26.18 -0.77 -5.66
N HIS A 122 26.56 -1.76 -4.84
CA HIS A 122 26.17 -1.74 -3.43
C HIS A 122 26.60 -0.43 -2.77
N GLU A 123 27.80 0.05 -3.10
CA GLU A 123 28.28 1.31 -2.53
C GLU A 123 27.28 2.44 -2.75
N VAL A 124 26.62 2.45 -3.91
CA VAL A 124 25.69 3.53 -4.23
C VAL A 124 24.45 3.42 -3.37
N ILE A 125 24.06 2.20 -3.00
CA ILE A 125 22.84 2.04 -2.22
C ILE A 125 23.07 2.50 -0.80
N ARG A 126 24.26 2.25 -0.27
CA ARG A 126 24.60 2.75 1.05
C ARG A 126 24.51 4.26 1.10
N ASP A 127 25.09 4.94 0.11
CA ASP A 127 25.11 6.40 0.13
C ASP A 127 23.71 6.99 0.02
N TYR A 128 22.76 6.24 -0.52
CA TYR A 128 21.39 6.73 -0.69
C TYR A 128 20.48 6.08 0.36
N ILE A 139 15.03 0.06 0.30
CA ILE A 139 14.15 1.03 -0.33
C ILE A 139 14.97 2.08 -1.06
N VAL A 140 15.01 1.97 -2.39
CA VAL A 140 15.75 2.92 -3.23
C VAL A 140 14.82 3.40 -4.34
N ASN A 141 14.82 4.71 -4.56
CA ASN A 141 13.93 5.34 -5.54
C ASN A 141 14.74 5.60 -6.81
N LEU A 142 14.34 4.94 -7.90
CA LEU A 142 14.95 5.16 -9.21
C LEU A 142 14.46 6.46 -9.82
N LYS A 143 14.76 7.55 -9.12
CA LYS A 143 14.40 8.90 -9.56
C LYS A 143 15.52 9.84 -9.18
N GLY A 144 15.64 10.92 -9.95
CA GLY A 144 16.54 12.01 -9.64
C GLY A 144 18.02 11.66 -9.64
N ALA A 145 18.67 11.94 -8.51
CA ALA A 145 20.12 11.99 -8.45
C ALA A 145 20.78 10.63 -8.53
N ILE A 146 20.10 9.55 -8.14
CA ILE A 146 20.77 8.26 -8.14
C ILE A 146 21.11 7.84 -9.57
N LEU A 147 20.24 8.16 -10.52
CA LEU A 147 20.47 7.75 -11.90
C LEU A 147 21.57 8.56 -12.57
N THR A 148 21.88 9.74 -12.06
CA THR A 148 22.96 10.56 -12.58
C THR A 148 24.28 10.31 -11.88
N ASP A 149 24.32 9.40 -10.92
CA ASP A 149 25.56 9.09 -10.23
C ASP A 149 26.45 8.30 -11.18
N PRO A 150 27.67 8.77 -11.48
CA PRO A 150 28.53 8.08 -12.45
C PRO A 150 28.77 6.60 -12.17
N ARG A 151 28.52 6.13 -10.94
CA ARG A 151 28.71 4.72 -10.65
C ARG A 151 27.52 3.88 -11.04
N VAL A 152 26.43 4.50 -11.47
CA VAL A 152 25.23 3.82 -11.93
C VAL A 152 25.24 3.80 -13.45
N SER A 153 24.87 2.67 -14.05
CA SER A 153 24.79 2.58 -15.50
C SER A 153 23.47 1.96 -15.93
N SER A 154 22.97 2.41 -17.08
CA SER A 154 21.90 1.71 -17.77
C SER A 154 22.48 0.48 -18.47
N ILE A 155 21.79 -0.65 -18.35
CA ILE A 155 22.24 -1.84 -19.06
C ILE A 155 21.23 -2.31 -20.09
N LYS A 156 20.21 -1.49 -20.39
CA LYS A 156 19.21 -1.90 -21.36
C LYS A 156 19.87 -2.23 -22.69
N GLU A 157 20.72 -1.32 -23.15
CA GLU A 157 21.41 -1.51 -24.43
C GLU A 157 22.24 -2.79 -24.43
N ASP A 158 22.98 -3.03 -23.34
CA ASP A 158 23.76 -4.26 -23.24
C ASP A 158 22.85 -5.48 -23.29
N LEU A 159 21.67 -5.41 -22.65
CA LEU A 159 20.74 -6.52 -22.68
C LEU A 159 20.25 -6.80 -24.09
N ILE A 160 19.98 -5.74 -24.86
CA ILE A 160 19.50 -5.89 -26.24
C ILE A 160 20.57 -6.53 -27.12
N VAL A 161 21.80 -6.02 -27.06
CA VAL A 161 22.87 -6.53 -27.91
C VAL A 161 23.16 -7.99 -27.58
N ARG A 162 23.46 -8.26 -26.32
CA ARG A 162 23.93 -9.57 -25.87
C ARG A 162 22.84 -10.62 -25.85
N SER A 163 21.57 -10.24 -25.95
CA SER A 163 20.55 -11.28 -25.94
C SER A 163 20.42 -11.93 -27.32
N SER A 164 19.97 -13.18 -27.30
CA SER A 164 19.78 -13.92 -28.52
C SER A 164 18.61 -13.32 -29.30
N ALA A 165 18.58 -13.59 -30.61
CA ALA A 165 17.54 -13.05 -31.47
C ALA A 165 16.17 -13.62 -31.13
N SER A 166 16.13 -14.82 -30.54
CA SER A 166 14.84 -15.37 -30.09
C SER A 166 14.28 -14.54 -28.94
N VAL A 167 15.10 -14.30 -27.91
CA VAL A 167 14.66 -13.44 -26.81
C VAL A 167 14.41 -12.03 -27.30
N ASN A 168 15.31 -11.50 -28.14
CA ASN A 168 15.22 -10.10 -28.58
C ASN A 168 13.94 -9.84 -29.36
N GLU A 169 13.44 -10.85 -30.08
CA GLU A 169 12.22 -10.66 -30.86
C GLU A 169 11.00 -10.45 -29.96
N ALA A 170 11.02 -11.02 -28.76
CA ALA A 170 9.96 -10.74 -27.79
C ALA A 170 10.09 -9.32 -27.23
N ALA A 171 11.30 -8.92 -26.84
CA ALA A 171 11.55 -7.61 -26.22
C ALA A 171 12.15 -6.66 -27.25
N MET A 172 11.27 -6.06 -28.05
CA MET A 172 11.67 -5.01 -29.01
C MET A 172 11.18 -3.65 -28.53
N SER B 2 -10.40 -27.35 -18.81
CA SER B 2 -10.12 -28.77 -18.88
C SER B 2 -8.78 -29.19 -19.44
N SER B 3 -8.26 -28.44 -20.41
CA SER B 3 -7.08 -28.83 -21.17
C SER B 3 -6.13 -27.64 -21.30
N TYR B 4 -4.83 -27.92 -21.23
CA TYR B 4 -3.90 -26.80 -21.21
C TYR B 4 -2.63 -27.09 -22.01
N ASP B 5 -2.67 -28.03 -22.96
CA ASP B 5 -1.51 -28.27 -23.81
C ASP B 5 -1.31 -27.14 -24.80
N TRP B 6 -2.35 -26.36 -25.09
CA TRP B 6 -2.19 -25.25 -26.02
C TRP B 6 -1.27 -24.19 -25.47
N LEU B 7 -1.01 -24.21 -24.15
CA LEU B 7 -0.05 -23.30 -23.56
C LEU B 7 1.34 -23.50 -24.12
N ASN B 8 1.65 -24.72 -24.59
CA ASN B 8 2.96 -24.99 -25.17
C ASN B 8 3.22 -24.13 -26.40
N ALA B 9 2.18 -23.62 -27.05
CA ALA B 9 2.33 -22.88 -28.29
C ALA B 9 2.45 -21.39 -28.09
N LEU B 10 2.39 -20.89 -26.85
CA LEU B 10 2.56 -19.48 -26.59
C LEU B 10 4.02 -19.19 -26.25
N ASN B 11 4.45 -17.97 -26.57
CA ASN B 11 5.77 -17.54 -26.15
C ASN B 11 5.72 -17.01 -24.72
N ASN B 12 6.89 -16.86 -24.11
CA ASN B 12 6.95 -16.51 -22.70
C ASN B 12 6.29 -15.16 -22.44
N LEU B 13 6.42 -14.22 -23.36
CA LEU B 13 5.83 -12.90 -23.14
C LEU B 13 4.31 -12.97 -23.19
N GLU B 14 3.75 -13.83 -24.05
CA GLU B 14 2.30 -14.00 -24.10
C GLU B 14 1.79 -14.68 -22.83
N LEU B 15 2.49 -15.70 -22.36
CA LEU B 15 2.16 -16.33 -21.10
C LEU B 15 2.16 -15.31 -19.96
N LEU B 16 3.16 -14.45 -19.94
CA LEU B 16 3.28 -13.48 -18.84
C LEU B 16 2.20 -12.41 -18.94
N SER B 17 1.92 -11.93 -20.15
CA SER B 17 0.83 -10.97 -20.32
C SER B 17 -0.51 -11.61 -19.99
N LEU B 18 -0.74 -12.85 -20.41
CA LEU B 18 -1.97 -13.54 -20.08
C LEU B 18 -2.10 -13.72 -18.57
N HIS B 19 -1.00 -14.09 -17.92
CA HIS B 19 -0.99 -14.26 -16.47
C HIS B 19 -1.47 -13.02 -15.74
N SER B 20 -1.03 -11.84 -16.18
CA SER B 20 -1.40 -10.62 -15.47
C SER B 20 -2.85 -10.22 -15.77
N GLU B 21 -3.32 -10.51 -16.98
CA GLU B 21 -4.70 -10.22 -17.32
C GLU B 21 -5.64 -11.06 -16.46
N ILE B 22 -5.29 -12.32 -16.26
CA ILE B 22 -6.04 -13.17 -15.34
C ILE B 22 -6.12 -12.52 -13.97
N LEU B 23 -4.98 -12.12 -13.42
CA LEU B 23 -4.99 -11.55 -12.08
C LEU B 23 -5.72 -10.21 -12.05
N THR B 24 -5.64 -9.44 -13.14
CA THR B 24 -6.46 -8.24 -13.24
C THR B 24 -7.95 -8.59 -13.25
N GLN B 25 -8.31 -9.64 -13.99
CA GLN B 25 -9.70 -10.07 -14.06
C GLN B 25 -10.22 -10.50 -12.69
N LEU B 26 -9.43 -11.28 -11.96
CA LEU B 26 -9.85 -11.78 -10.65
C LEU B 26 -9.98 -10.64 -9.65
N ARG B 27 -9.03 -9.72 -9.67
CA ARG B 27 -9.06 -8.56 -8.79
C ARG B 27 -10.26 -7.68 -9.11
N SER B 28 -10.63 -7.57 -10.38
CA SER B 28 -11.78 -6.78 -10.79
C SER B 28 -13.09 -7.43 -10.35
N ARG B 29 -13.10 -8.76 -10.23
CA ARG B 29 -14.27 -9.46 -9.72
C ARG B 29 -14.31 -9.51 -8.21
N GLY B 30 -13.26 -9.04 -7.54
CA GLY B 30 -13.20 -9.07 -6.11
C GLY B 30 -12.84 -10.41 -5.53
N VAL B 31 -12.36 -11.34 -6.36
CA VAL B 31 -12.09 -12.70 -5.89
C VAL B 31 -10.75 -12.74 -5.17
N ILE B 32 -9.75 -12.06 -5.71
CA ILE B 32 -8.47 -11.84 -5.07
C ILE B 32 -8.35 -10.36 -4.76
N ARG B 33 -7.81 -10.04 -3.60
CA ARG B 33 -7.71 -8.66 -3.15
C ARG B 33 -6.34 -8.09 -3.42
N THR B 34 -5.33 -8.95 -3.58
CA THR B 34 -3.99 -8.56 -3.96
C THR B 34 -3.50 -9.58 -4.99
N LYS B 35 -2.44 -9.21 -5.71
CA LYS B 35 -1.82 -10.04 -6.73
C LYS B 35 -0.75 -10.97 -6.16
N ASN B 36 -0.47 -10.83 -4.86
CA ASN B 36 0.63 -11.51 -4.19
C ASN B 36 0.39 -13.01 -4.01
N ASN B 37 -0.77 -13.40 -3.49
CA ASN B 37 -1.11 -14.81 -3.31
C ASN B 37 -2.50 -15.09 -3.85
N PRO B 38 -2.60 -15.48 -5.12
CA PRO B 38 -3.94 -15.70 -5.70
C PRO B 38 -4.65 -16.94 -5.19
N VAL B 39 -3.92 -18.04 -4.97
CA VAL B 39 -4.57 -19.26 -4.48
C VAL B 39 -5.09 -19.05 -3.06
N GLY B 40 -4.30 -18.40 -2.20
CA GLY B 40 -4.78 -18.12 -0.86
C GLY B 40 -5.95 -17.14 -0.84
N ASP B 41 -5.91 -16.13 -1.69
CA ASP B 41 -6.99 -15.16 -1.74
C ASP B 41 -8.27 -15.79 -2.25
N TYR B 42 -8.15 -16.74 -3.18
CA TYR B 42 -9.32 -17.44 -3.69
C TYR B 42 -9.94 -18.33 -2.61
N ALA B 43 -9.11 -19.11 -1.91
CA ALA B 43 -9.62 -19.91 -0.80
C ALA B 43 -10.37 -19.04 0.21
N GLU B 44 -9.81 -17.87 0.53
CA GLU B 44 -10.46 -16.99 1.49
C GLU B 44 -11.79 -16.48 0.94
N TRP B 45 -11.84 -16.16 -0.35
CA TRP B 45 -13.11 -15.76 -0.97
C TRP B 45 -14.10 -16.92 -0.96
N LEU B 46 -13.62 -18.14 -1.22
CA LEU B 46 -14.47 -19.33 -1.21
C LEU B 46 -15.05 -19.60 0.17
N VAL B 47 -14.17 -19.68 1.18
CA VAL B 47 -14.62 -20.02 2.53
C VAL B 47 -15.49 -18.92 3.11
N SER B 48 -15.11 -17.65 2.91
CA SER B 48 -15.90 -16.56 3.49
C SER B 48 -17.31 -16.53 2.90
N ASN B 49 -17.42 -16.67 1.58
CA ASN B 49 -18.74 -16.66 0.96
C ASN B 49 -19.54 -17.92 1.30
N ALA B 50 -18.88 -19.08 1.30
CA ALA B 50 -19.57 -20.34 1.55
C ALA B 50 -20.12 -20.42 2.96
N LEU B 51 -19.34 -19.98 3.95
CA LEU B 51 -19.65 -20.22 5.35
C LEU B 51 -20.11 -18.97 6.09
N GLY B 52 -20.35 -17.87 5.38
CA GLY B 52 -20.83 -16.65 6.02
C GLY B 52 -19.85 -15.99 6.95
N MET B 53 -18.61 -15.80 6.49
CA MET B 53 -17.56 -15.11 7.23
C MET B 53 -17.29 -13.74 6.62
N THR B 54 -16.77 -12.84 7.45
CA THR B 54 -16.32 -11.52 7.01
C THR B 54 -14.79 -11.53 6.96
N LEU B 55 -14.24 -11.15 5.82
CA LEU B 55 -12.80 -11.08 5.66
C LEU B 55 -12.22 -9.84 6.33
N LEU B 56 -10.99 -9.98 6.82
CA LEU B 56 -10.24 -8.88 7.40
C LEU B 56 -9.17 -8.44 6.42
N SER B 57 -8.94 -7.13 6.36
CA SER B 57 -7.97 -6.60 5.40
C SER B 57 -6.54 -6.93 5.84
N ASN B 58 -5.69 -7.15 4.84
CA ASN B 58 -4.34 -7.75 4.95
C ASN B 58 -4.46 -9.27 4.97
N ALA B 63 -5.65 -12.68 12.23
CA ALA B 63 -6.65 -13.60 11.70
C ALA B 63 -7.10 -13.16 10.31
N ASP B 64 -7.45 -14.14 9.47
CA ASP B 64 -7.87 -13.82 8.10
C ASP B 64 -9.34 -13.43 8.02
N ALA B 65 -10.18 -13.94 8.92
CA ALA B 65 -11.60 -13.66 8.85
C ALA B 65 -12.24 -13.87 10.21
N ILE B 66 -13.44 -13.31 10.35
CA ILE B 66 -14.32 -13.56 11.49
C ILE B 66 -15.53 -14.34 10.98
N ASP B 67 -15.88 -15.41 11.69
CA ASP B 67 -16.95 -16.29 11.25
C ASP B 67 -18.30 -15.83 11.80
N ALA B 68 -19.36 -16.60 11.50
CA ALA B 68 -20.72 -16.20 11.83
C ALA B 68 -20.99 -16.17 13.32
N ASP B 69 -20.14 -16.79 14.15
CA ASP B 69 -20.27 -16.73 15.60
C ASP B 69 -19.20 -15.86 16.25
N GLY B 70 -18.41 -15.14 15.47
CA GLY B 70 -17.45 -14.20 16.01
C GLY B 70 -16.09 -14.76 16.31
N LEU B 71 -15.80 -15.98 15.88
CA LEU B 71 -14.49 -16.57 16.09
C LEU B 71 -13.51 -16.11 15.02
N LYS B 72 -12.23 -16.11 15.40
CA LYS B 72 -11.16 -15.67 14.53
C LYS B 72 -10.63 -16.89 13.78
N VAL B 73 -10.53 -16.77 12.45
CA VAL B 73 -10.29 -17.92 11.57
C VAL B 73 -9.05 -17.66 10.73
N GLN B 74 -8.23 -18.71 10.58
CA GLN B 74 -7.15 -18.77 9.59
C GLN B 74 -7.60 -19.59 8.39
N ILE B 75 -7.23 -19.14 7.19
CA ILE B 75 -7.56 -19.86 5.96
C ILE B 75 -6.27 -20.04 5.17
N LYS B 76 -5.93 -21.29 4.88
CA LYS B 76 -4.76 -21.63 4.10
C LYS B 76 -5.16 -22.61 3.01
N ALA B 77 -4.50 -22.53 1.86
CA ALA B 77 -4.82 -23.36 0.72
C ALA B 77 -3.56 -23.95 0.10
N ARG B 78 -3.71 -25.12 -0.53
CA ARG B 78 -2.59 -25.84 -1.16
C ARG B 78 -3.13 -26.58 -2.37
N ARG B 79 -2.35 -26.63 -3.46
CA ARG B 79 -2.73 -27.33 -4.68
C ARG B 79 -1.86 -28.57 -4.92
N VAL B 80 -2.50 -29.71 -5.15
CA VAL B 80 -1.81 -30.98 -5.38
C VAL B 80 -1.34 -31.10 -6.83
N THR B 81 -0.03 -31.30 -7.03
CA THR B 81 0.64 -31.46 -8.33
C THR B 81 1.72 -32.53 -8.22
N PRO B 82 2.41 -32.89 -9.31
CA PRO B 82 3.65 -33.67 -9.14
C PRO B 82 4.75 -32.83 -8.51
N ASP B 83 4.82 -31.57 -8.92
CA ASP B 83 5.85 -30.62 -8.55
C ASP B 83 5.80 -30.28 -7.07
N ASN B 84 6.91 -29.72 -6.59
CA ASN B 84 7.03 -29.34 -5.19
C ASN B 84 6.11 -28.16 -4.89
N TYR B 95 6.54 -20.69 14.14
CA TYR B 95 5.27 -20.44 14.78
C TYR B 95 4.49 -19.34 14.06
N GLU B 96 3.50 -18.78 14.76
CA GLU B 96 2.74 -17.64 14.29
C GLU B 96 2.84 -16.46 15.24
N ALA B 97 2.73 -16.70 16.55
CA ALA B 97 2.69 -15.65 17.57
C ALA B 97 1.57 -14.65 17.31
N ALA B 98 0.47 -15.11 16.70
CA ALA B 98 -0.73 -14.32 16.46
C ALA B 98 -1.93 -15.19 16.79
N ASP B 99 -2.99 -14.60 17.35
CA ASP B 99 -4.08 -15.40 17.93
C ASP B 99 -5.29 -15.53 17.00
N PHE B 100 -5.78 -16.75 16.87
CA PHE B 100 -6.93 -17.10 16.06
C PHE B 100 -7.56 -18.33 16.69
N ASP B 101 -8.86 -18.50 16.49
CA ASP B 101 -9.52 -19.62 17.16
C ASP B 101 -9.32 -20.94 16.40
N TYR B 102 -9.45 -20.93 15.07
CA TYR B 102 -9.17 -22.14 14.32
C TYR B 102 -8.71 -21.82 12.90
N LEU B 103 -8.01 -22.78 12.30
CA LEU B 103 -7.55 -22.70 10.92
C LEU B 103 -8.41 -23.59 10.04
N ILE B 104 -8.79 -23.07 8.87
CA ILE B 104 -9.44 -23.88 7.83
C ILE B 104 -8.43 -24.06 6.70
N ALA B 105 -8.15 -25.31 6.37
CA ALA B 105 -7.16 -25.66 5.36
C ALA B 105 -7.85 -26.33 4.19
N VAL B 106 -7.72 -25.74 3.00
CA VAL B 106 -8.35 -26.22 1.79
C VAL B 106 -7.27 -26.78 0.88
N ILE B 107 -7.52 -27.94 0.30
CA ILE B 107 -6.58 -28.57 -0.62
C ILE B 107 -7.26 -28.75 -1.97
N PHE B 108 -6.69 -28.14 -3.00
CA PHE B 108 -7.22 -28.18 -4.36
C PHE B 108 -6.50 -29.22 -5.20
N ASP B 109 -7.24 -29.80 -6.15
CA ASP B 109 -6.60 -30.58 -7.20
C ASP B 109 -6.10 -29.63 -8.29
N GLU B 110 -5.54 -30.23 -9.34
CA GLU B 110 -4.91 -29.45 -10.42
C GLU B 110 -5.86 -28.41 -11.00
N THR B 111 -7.15 -28.75 -11.14
CA THR B 111 -8.12 -27.82 -11.70
C THR B 111 -8.99 -27.16 -10.64
N TYR B 112 -8.53 -27.11 -9.39
CA TYR B 112 -9.14 -26.35 -8.30
C TYR B 112 -10.48 -26.93 -7.82
N ASN B 113 -10.72 -28.21 -8.05
CA ASN B 113 -11.74 -28.91 -7.29
C ASN B 113 -11.18 -29.22 -5.91
N ILE B 114 -12.05 -29.24 -4.91
CA ILE B 114 -11.60 -29.38 -3.53
C ILE B 114 -11.38 -30.86 -3.25
N LEU B 115 -10.13 -31.22 -2.96
CA LEU B 115 -9.80 -32.56 -2.50
C LEU B 115 -10.18 -32.75 -1.05
N ASP B 116 -9.76 -31.82 -0.20
CA ASP B 116 -10.04 -31.89 1.23
C ASP B 116 -10.17 -30.48 1.79
N ALA B 117 -10.88 -30.38 2.91
CA ALA B 117 -11.00 -29.16 3.67
C ALA B 117 -11.06 -29.52 5.15
N TYR B 118 -10.16 -28.97 5.93
CA TYR B 118 -9.97 -29.35 7.33
C TYR B 118 -10.26 -28.16 8.23
N LYS B 119 -10.84 -28.45 9.39
CA LYS B 119 -11.01 -27.45 10.45
C LYS B 119 -10.04 -27.83 11.57
N ILE B 120 -9.05 -26.97 11.79
CA ILE B 120 -7.98 -27.25 12.75
C ILE B 120 -8.00 -26.19 13.86
N PRO B 121 -8.45 -26.53 15.06
CA PRO B 121 -8.36 -25.57 16.18
C PRO B 121 -6.93 -25.13 16.38
N HIS B 122 -6.76 -23.87 16.78
CA HIS B 122 -5.43 -23.30 17.00
C HIS B 122 -4.58 -24.15 17.92
N GLU B 123 -5.20 -24.70 18.97
CA GLU B 123 -4.49 -25.52 19.96
C GLU B 123 -3.67 -26.64 19.34
N VAL B 124 -4.11 -27.17 18.21
CA VAL B 124 -3.35 -28.26 17.59
C VAL B 124 -2.03 -27.69 17.08
N ILE B 125 -0.93 -28.26 17.57
CA ILE B 125 0.42 -27.77 17.29
C ILE B 125 1.27 -28.94 16.78
N ARG B 126 2.39 -28.60 16.13
CA ARG B 126 3.42 -29.54 15.62
C ARG B 126 2.94 -30.94 15.22
N PRO B 150 -6.44 -36.08 14.19
CA PRO B 150 -6.87 -36.45 15.54
C PRO B 150 -8.06 -35.61 16.02
N ARG B 151 -7.77 -34.43 16.56
CA ARG B 151 -8.81 -33.50 16.98
C ARG B 151 -9.31 -32.63 15.83
N VAL B 152 -8.74 -32.79 14.64
CA VAL B 152 -9.11 -32.02 13.46
C VAL B 152 -10.11 -32.82 12.65
N SER B 153 -11.11 -32.12 12.10
CA SER B 153 -12.19 -32.77 11.39
C SER B 153 -12.35 -32.19 9.99
N SER B 154 -12.80 -33.05 9.07
CA SER B 154 -13.08 -32.62 7.71
C SER B 154 -14.37 -31.82 7.61
N ILE B 155 -14.31 -30.75 6.82
CA ILE B 155 -15.47 -29.94 6.47
C ILE B 155 -15.70 -29.97 4.97
N LYS B 156 -15.10 -30.97 4.30
CA LYS B 156 -15.16 -31.05 2.85
C LYS B 156 -16.58 -30.95 2.32
N GLU B 157 -17.47 -31.87 2.76
CA GLU B 157 -18.80 -31.89 2.16
C GLU B 157 -19.55 -30.58 2.41
N ASP B 158 -19.50 -30.08 3.64
CA ASP B 158 -20.23 -28.84 3.95
C ASP B 158 -19.71 -27.67 3.11
N LEU B 159 -18.39 -27.57 2.94
CA LEU B 159 -17.84 -26.48 2.15
C LEU B 159 -18.21 -26.59 0.67
N ILE B 160 -18.13 -27.79 0.10
CA ILE B 160 -18.47 -27.97 -1.31
C ILE B 160 -19.92 -27.60 -1.56
N VAL B 161 -20.82 -28.12 -0.70
CA VAL B 161 -22.25 -27.87 -0.87
C VAL B 161 -22.55 -26.39 -0.78
N ARG B 162 -22.10 -25.74 0.30
CA ARG B 162 -22.47 -24.34 0.49
C ARG B 162 -21.75 -23.42 -0.47
N SER B 163 -20.62 -23.86 -1.03
CA SER B 163 -19.92 -23.03 -2.00
C SER B 163 -20.58 -23.15 -3.35
N SER B 164 -21.09 -24.34 -3.67
CA SER B 164 -21.77 -24.54 -4.95
C SER B 164 -23.09 -23.78 -4.97
N ALA B 165 -23.83 -23.82 -3.86
CA ALA B 165 -25.00 -22.97 -3.73
C ALA B 165 -24.63 -21.50 -3.90
N SER B 166 -23.55 -21.08 -3.23
CA SER B 166 -23.11 -19.69 -3.29
C SER B 166 -22.79 -19.26 -4.73
N VAL B 167 -21.95 -20.02 -5.42
CA VAL B 167 -21.54 -19.65 -6.77
C VAL B 167 -22.73 -19.62 -7.72
N ASN B 168 -23.58 -20.66 -7.67
CA ASN B 168 -24.73 -20.71 -8.58
C ASN B 168 -25.72 -19.59 -8.29
N GLU B 169 -25.93 -19.28 -7.01
CA GLU B 169 -26.81 -18.16 -6.65
C GLU B 169 -26.29 -16.84 -7.20
N ALA B 170 -25.00 -16.55 -7.02
CA ALA B 170 -24.43 -15.28 -7.47
C ALA B 170 -24.57 -15.10 -8.98
N ALA B 171 -24.43 -16.18 -9.75
CA ALA B 171 -24.45 -16.09 -11.22
C ALA B 171 -25.76 -15.48 -11.75
N MET B 172 -26.86 -15.70 -11.02
CA MET B 172 -28.30 -15.33 -11.31
C MET B 172 -28.64 -14.64 -12.62
N SER C 2 14.45 19.29 18.46
CA SER C 2 13.51 18.66 19.38
C SER C 2 13.64 17.17 19.45
N SER C 3 13.14 16.62 20.54
CA SER C 3 13.05 15.18 20.72
C SER C 3 11.67 14.85 21.28
N TYR C 4 11.31 13.57 21.18
CA TYR C 4 9.95 13.17 21.54
C TYR C 4 9.95 11.83 22.24
N ASP C 5 11.06 11.46 22.86
CA ASP C 5 11.09 10.22 23.63
C ASP C 5 10.27 10.34 24.91
N TRP C 6 10.04 11.56 25.40
CA TRP C 6 9.25 11.76 26.60
C TRP C 6 7.80 11.36 26.41
N LEU C 7 7.33 11.24 25.17
CA LEU C 7 5.97 10.77 24.92
C LEU C 7 5.76 9.35 25.43
N ASN C 8 6.82 8.55 25.46
CA ASN C 8 6.72 7.17 25.95
C ASN C 8 6.25 7.12 27.40
N ALA C 9 6.39 8.20 28.15
CA ALA C 9 6.01 8.24 29.56
C ALA C 9 4.59 8.74 29.75
N LEU C 10 3.88 9.05 28.67
CA LEU C 10 2.50 9.48 28.74
C LEU C 10 1.57 8.28 28.60
N ASN C 11 0.41 8.36 29.23
CA ASN C 11 -0.62 7.35 29.01
C ASN C 11 -1.42 7.68 27.75
N ASN C 12 -2.18 6.69 27.28
CA ASN C 12 -2.95 6.91 26.05
C ASN C 12 -3.94 8.06 26.21
N LEU C 13 -4.50 8.22 27.41
CA LEU C 13 -5.46 9.29 27.65
C LEU C 13 -4.78 10.66 27.56
N GLU C 14 -3.55 10.76 28.05
CA GLU C 14 -2.82 12.01 27.97
C GLU C 14 -2.43 12.33 26.53
N LEU C 15 -1.97 11.32 25.79
CA LEU C 15 -1.67 11.50 24.37
C LEU C 15 -2.87 12.02 23.61
N LEU C 16 -4.06 11.44 23.87
CA LEU C 16 -5.27 11.87 23.17
C LEU C 16 -5.69 13.27 23.61
N SER C 17 -5.58 13.56 24.92
CA SER C 17 -5.92 14.90 25.39
C SER C 17 -4.96 15.93 24.83
N LEU C 18 -3.68 15.61 24.80
CA LEU C 18 -2.70 16.54 24.25
C LEU C 18 -2.92 16.75 22.75
N HIS C 19 -3.13 15.65 22.01
CA HIS C 19 -3.36 15.75 20.57
C HIS C 19 -4.55 16.66 20.22
N SER C 20 -5.64 16.54 20.98
CA SER C 20 -6.83 17.33 20.65
C SER C 20 -6.62 18.80 21.00
N GLU C 21 -5.84 19.07 22.05
CA GLU C 21 -5.54 20.45 22.41
C GLU C 21 -4.64 21.08 21.36
N ILE C 22 -3.65 20.33 20.86
CA ILE C 22 -2.85 20.79 19.73
C ILE C 22 -3.72 21.23 18.57
N LEU C 23 -4.70 20.40 18.19
CA LEU C 23 -5.55 20.75 17.07
C LEU C 23 -6.43 21.94 17.39
N THR C 24 -6.90 22.07 18.63
CA THR C 24 -7.64 23.25 19.04
C THR C 24 -6.78 24.50 18.93
N GLN C 25 -5.51 24.40 19.37
CA GLN C 25 -4.60 25.52 19.24
C GLN C 25 -4.40 25.88 17.78
N LEU C 26 -4.21 24.87 16.94
CA LEU C 26 -4.04 25.13 15.52
C LEU C 26 -5.31 25.68 14.91
N ARG C 27 -6.47 25.21 15.37
CA ARG C 27 -7.73 25.78 14.91
C ARG C 27 -7.82 27.26 15.26
N SER C 28 -7.44 27.61 16.50
CA SER C 28 -7.58 28.99 16.98
C SER C 28 -6.62 29.95 16.31
N ARG C 29 -5.48 29.46 15.81
CA ARG C 29 -4.53 30.28 15.08
C ARG C 29 -4.87 30.39 13.60
N GLY C 30 -5.87 29.68 13.11
CA GLY C 30 -6.21 29.74 11.70
C GLY C 30 -5.36 28.87 10.81
N VAL C 31 -4.54 27.99 11.39
CA VAL C 31 -3.65 27.14 10.61
C VAL C 31 -4.41 25.95 10.05
N ILE C 32 -5.34 25.40 10.83
CA ILE C 32 -6.20 24.32 10.36
C ILE C 32 -7.55 24.93 9.99
N ARG C 33 -7.90 24.83 8.72
CA ARG C 33 -9.13 25.41 8.19
C ARG C 33 -10.15 24.37 7.74
N THR C 34 -9.69 23.15 7.42
CA THR C 34 -10.52 22.09 6.89
C THR C 34 -10.22 20.81 7.66
N LYS C 35 -11.09 19.81 7.47
CA LYS C 35 -11.04 18.57 8.25
C LYS C 35 -10.16 17.50 7.62
N ASN C 36 -9.27 16.93 8.44
CA ASN C 36 -8.45 15.76 8.10
C ASN C 36 -7.46 15.99 6.96
N ASN C 37 -7.00 17.21 6.77
CA ASN C 37 -5.82 17.47 5.93
C ASN C 37 -4.94 18.46 6.68
N PRO C 38 -4.21 17.99 7.69
CA PRO C 38 -3.38 18.92 8.48
C PRO C 38 -2.14 19.37 7.73
N VAL C 39 -1.52 18.44 6.98
CA VAL C 39 -0.33 18.78 6.22
C VAL C 39 -0.65 19.76 5.10
N GLY C 40 -1.77 19.54 4.39
CA GLY C 40 -2.16 20.46 3.34
C GLY C 40 -2.50 21.84 3.88
N ASP C 41 -3.18 21.89 5.02
CA ASP C 41 -3.55 23.17 5.61
C ASP C 41 -2.34 23.95 6.08
N TYR C 42 -1.35 23.24 6.62
CA TYR C 42 -0.14 23.88 7.12
C TYR C 42 0.67 24.45 5.98
N ALA C 43 0.86 23.68 4.90
CA ALA C 43 1.57 24.20 3.75
C ALA C 43 0.94 25.49 3.26
N GLU C 44 -0.38 25.51 3.14
CA GLU C 44 -1.06 26.71 2.68
C GLU C 44 -0.87 27.84 3.67
N TRP C 45 -0.94 27.54 4.97
CA TRP C 45 -0.67 28.56 5.97
C TRP C 45 0.78 29.03 5.88
N LEU C 46 1.70 28.10 5.66
CA LEU C 46 3.12 28.41 5.53
C LEU C 46 3.37 29.32 4.34
N VAL C 47 2.90 28.91 3.17
CA VAL C 47 3.19 29.63 1.95
C VAL C 47 2.52 30.99 1.96
N SER C 48 1.25 31.05 2.39
CA SER C 48 0.55 32.32 2.39
C SER C 48 1.22 33.32 3.33
N ASN C 49 1.56 32.91 4.55
CA ASN C 49 2.18 33.87 5.48
C ASN C 49 3.60 34.21 5.05
N ALA C 50 4.36 33.24 4.57
CA ALA C 50 5.74 33.52 4.18
C ALA C 50 5.80 34.50 3.00
N LEU C 51 4.92 34.34 2.01
CA LEU C 51 5.04 35.08 0.76
C LEU C 51 3.95 36.14 0.59
N GLY C 52 3.15 36.40 1.63
CA GLY C 52 2.14 37.44 1.56
C GLY C 52 1.05 37.12 0.56
N MET C 53 0.54 35.90 0.62
CA MET C 53 -0.54 35.48 -0.26
C MET C 53 -1.84 35.43 0.51
N THR C 54 -2.94 35.52 -0.23
CA THR C 54 -4.28 35.37 0.31
C THR C 54 -4.87 34.04 -0.14
N LEU C 55 -5.31 33.24 0.84
CA LEU C 55 -5.90 31.93 0.54
C LEU C 55 -7.31 32.07 0.02
N LEU C 56 -7.69 31.17 -0.87
CA LEU C 56 -9.04 31.13 -1.42
C LEU C 56 -9.80 29.96 -0.85
N SER C 57 -11.08 30.17 -0.55
CA SER C 57 -11.88 29.07 -0.01
C SER C 57 -12.28 28.09 -1.10
N ASN C 58 -12.76 28.60 -2.24
CA ASN C 58 -13.13 27.74 -3.36
C ASN C 58 -11.95 27.55 -4.30
N GLY C 62 -11.07 25.74 -8.27
CA GLY C 62 -10.31 26.96 -8.54
C GLY C 62 -8.85 26.87 -8.12
N ALA C 63 -8.27 28.01 -7.76
CA ALA C 63 -6.91 28.12 -7.30
C ALA C 63 -6.87 28.18 -5.77
N ASP C 64 -5.75 27.77 -5.19
CA ASP C 64 -5.66 27.74 -3.73
C ASP C 64 -5.35 29.11 -3.13
N ALA C 65 -4.62 29.97 -3.86
CA ALA C 65 -4.21 31.26 -3.29
C ALA C 65 -3.91 32.25 -4.40
N ILE C 66 -3.95 33.54 -4.03
CA ILE C 66 -3.49 34.64 -4.87
C ILE C 66 -2.25 35.22 -4.21
N ASP C 67 -1.17 35.37 -4.98
CA ASP C 67 0.06 35.80 -4.34
C ASP C 67 0.14 37.33 -4.30
N ALA C 68 1.24 37.84 -3.77
CA ALA C 68 1.37 39.28 -3.55
C ALA C 68 1.39 40.09 -4.84
N ASP C 69 1.55 39.45 -6.00
CA ASP C 69 1.51 40.15 -7.28
C ASP C 69 0.24 39.87 -8.08
N GLY C 70 -0.74 39.18 -7.49
CA GLY C 70 -2.01 38.96 -8.15
C GLY C 70 -2.09 37.74 -9.04
N LEU C 71 -1.11 36.86 -8.98
CA LEU C 71 -1.09 35.62 -9.73
C LEU C 71 -1.86 34.54 -8.98
N LYS C 72 -2.40 33.57 -9.74
CA LYS C 72 -3.13 32.45 -9.17
C LYS C 72 -2.16 31.29 -8.92
N VAL C 73 -2.18 30.74 -7.72
CA VAL C 73 -1.21 29.77 -7.23
C VAL C 73 -1.93 28.49 -6.81
N GLN C 74 -1.37 27.34 -7.19
CA GLN C 74 -1.74 26.06 -6.62
C GLN C 74 -0.71 25.64 -5.58
N ILE C 75 -1.17 25.02 -4.50
CA ILE C 75 -0.30 24.59 -3.41
C ILE C 75 -0.50 23.10 -3.21
N LYS C 76 0.61 22.35 -3.28
CA LYS C 76 0.60 20.91 -3.06
C LYS C 76 1.65 20.59 -2.00
N ALA C 77 1.34 19.66 -1.10
CA ALA C 77 2.27 19.33 -0.04
C ALA C 77 2.32 17.83 0.20
N ARG C 78 3.46 17.36 0.71
CA ARG C 78 3.63 15.97 1.06
C ARG C 78 4.66 15.88 2.18
N ARG C 79 4.41 15.01 3.14
CA ARG C 79 5.34 14.73 4.23
C ARG C 79 5.93 13.34 4.10
N VAL C 80 7.24 13.24 4.29
CA VAL C 80 7.93 11.95 4.22
C VAL C 80 7.61 11.16 5.47
N THR C 81 7.14 9.93 5.29
CA THR C 81 6.63 9.11 6.39
C THR C 81 7.19 7.70 6.35
N PRO C 82 6.85 6.84 7.31
CA PRO C 82 7.23 5.42 7.17
C PRO C 82 6.49 4.72 6.06
N ASP C 83 5.18 4.98 5.88
CA ASP C 83 4.45 4.31 4.81
C ASP C 83 4.95 4.76 3.43
N ASN C 84 5.34 6.04 3.28
CA ASN C 84 6.01 6.50 2.06
C ASN C 84 7.19 7.40 2.40
N PRO C 85 8.43 6.95 2.14
CA PRO C 85 9.60 7.80 2.40
C PRO C 85 10.24 8.37 1.15
N SER C 86 9.51 8.38 0.02
CA SER C 86 10.04 8.99 -1.19
C SER C 86 10.41 10.44 -0.94
N ARG C 87 11.40 10.94 -1.69
CA ARG C 87 11.86 12.32 -1.53
C ARG C 87 11.10 13.30 -2.41
N GLN C 88 10.38 12.82 -3.42
CA GLN C 88 9.50 13.66 -4.24
C GLN C 88 8.27 12.85 -4.63
N LEU C 89 7.40 13.46 -5.43
CA LEU C 89 6.19 12.80 -5.93
C LEU C 89 5.96 13.20 -7.38
N SER C 90 5.14 12.43 -8.07
CA SER C 90 4.68 12.78 -9.41
C SER C 90 3.47 13.71 -9.31
N ALA C 91 3.07 14.23 -10.48
CA ALA C 91 2.05 15.25 -10.58
C ALA C 91 0.78 14.72 -11.24
N LEU C 92 -0.32 15.42 -11.00
CA LEU C 92 -1.55 15.13 -11.74
C LEU C 92 -1.42 15.56 -13.19
N ARG C 93 -2.20 14.90 -14.06
CA ARG C 93 -2.37 15.34 -15.44
C ARG C 93 -3.72 16.04 -15.62
N ASN C 94 -4.51 16.15 -14.55
CA ASN C 94 -5.81 16.81 -14.59
C ASN C 94 -5.71 18.32 -14.37
N TYR C 95 -4.48 18.87 -14.31
CA TYR C 95 -4.29 20.31 -14.12
C TYR C 95 -4.93 21.14 -15.24
N GLU C 96 -5.26 20.51 -16.37
CA GLU C 96 -5.96 21.19 -17.46
C GLU C 96 -7.18 21.94 -16.95
N ALA C 97 -7.92 21.34 -16.01
CA ALA C 97 -9.12 21.94 -15.43
C ALA C 97 -8.80 23.08 -14.48
N ALA C 98 -7.54 23.23 -14.09
CA ALA C 98 -7.14 24.25 -13.13
C ALA C 98 -6.70 25.52 -13.83
N ASP C 99 -7.04 26.64 -13.22
CA ASP C 99 -6.69 27.97 -13.68
C ASP C 99 -5.68 28.54 -12.68
N PHE C 100 -4.41 28.39 -12.98
CA PHE C 100 -3.38 28.87 -12.07
C PHE C 100 -2.12 29.25 -12.83
N ASP C 101 -1.41 30.22 -12.29
CA ASP C 101 -0.20 30.70 -12.94
C ASP C 101 0.99 29.83 -12.59
N TYR C 102 1.12 29.43 -11.32
CA TYR C 102 2.17 28.50 -10.96
C TYR C 102 1.75 27.65 -9.76
N LEU C 103 2.43 26.52 -9.64
CA LEU C 103 2.26 25.56 -8.56
C LEU C 103 3.42 25.68 -7.59
N ILE C 104 3.12 25.65 -6.29
CA ILE C 104 4.14 25.51 -5.26
C ILE C 104 4.00 24.11 -4.66
N ALA C 105 5.06 23.34 -4.72
CA ALA C 105 5.07 21.98 -4.21
C ALA C 105 6.07 21.91 -3.06
N VAL C 106 5.57 21.59 -1.87
CA VAL C 106 6.37 21.55 -0.65
C VAL C 106 6.52 20.11 -0.19
N ILE C 107 7.74 19.74 0.23
CA ILE C 107 8.02 18.41 0.74
C ILE C 107 8.58 18.53 2.16
N PHE C 108 7.87 17.95 3.12
CA PHE C 108 8.26 17.99 4.53
C PHE C 108 8.95 16.70 4.95
N ASP C 109 9.89 16.81 5.90
CA ASP C 109 10.34 15.61 6.57
C ASP C 109 9.36 15.24 7.69
N GLU C 110 9.64 14.13 8.38
CA GLU C 110 8.73 13.63 9.41
C GLU C 110 8.38 14.69 10.44
N THR C 111 9.34 15.55 10.78
CA THR C 111 9.14 16.58 11.78
C THR C 111 8.85 17.94 11.16
N TYR C 112 8.38 17.96 9.91
CA TYR C 112 7.82 19.13 9.24
C TYR C 112 8.84 20.22 8.93
N ASN C 113 10.12 19.88 8.92
CA ASN C 113 11.11 20.77 8.31
C ASN C 113 11.03 20.61 6.80
N ILE C 114 11.41 21.67 6.10
CA ILE C 114 11.26 21.68 4.65
C ILE C 114 12.44 20.98 4.01
N LEU C 115 12.17 19.85 3.35
CA LEU C 115 13.18 19.21 2.52
C LEU C 115 13.34 19.96 1.20
N ASP C 116 12.24 20.23 0.51
CA ASP C 116 12.28 20.97 -0.74
C ASP C 116 10.98 21.75 -0.90
N ALA C 117 11.07 22.83 -1.66
CA ALA C 117 9.87 23.58 -2.06
C ALA C 117 10.13 24.10 -3.46
N TYR C 118 9.24 23.80 -4.38
CA TYR C 118 9.45 24.12 -5.78
C TYR C 118 8.39 25.10 -6.22
N LYS C 119 8.79 26.05 -7.04
CA LYS C 119 7.88 26.93 -7.75
C LYS C 119 7.91 26.49 -9.19
N ILE C 120 6.78 25.95 -9.67
CA ILE C 120 6.67 25.36 -10.98
C ILE C 120 5.63 26.14 -11.77
N PRO C 121 6.06 26.98 -12.71
CA PRO C 121 5.10 27.69 -13.56
C PRO C 121 4.20 26.74 -14.32
N HIS C 122 2.95 27.16 -14.53
CA HIS C 122 2.01 26.33 -15.29
C HIS C 122 2.59 25.97 -16.66
N GLU C 123 3.25 26.94 -17.33
CA GLU C 123 3.82 26.71 -18.65
C GLU C 123 4.68 25.47 -18.68
N VAL C 124 5.41 25.21 -17.59
CA VAL C 124 6.31 24.06 -17.55
C VAL C 124 5.51 22.78 -17.50
N ILE C 125 4.44 22.75 -16.72
CA ILE C 125 3.67 21.52 -16.55
C ILE C 125 3.04 21.12 -17.88
N ARG C 126 2.59 22.11 -18.66
CA ARG C 126 2.05 21.81 -19.98
C ARG C 126 3.09 21.14 -20.86
N ASP C 127 4.28 21.75 -20.97
CA ASP C 127 5.30 21.23 -21.86
C ASP C 127 5.69 19.81 -21.52
N TYR C 128 5.65 19.44 -20.24
CA TYR C 128 5.98 18.07 -19.86
C TYR C 128 4.77 17.15 -19.96
N ALA C 129 3.58 17.70 -20.19
CA ALA C 129 2.44 16.88 -20.58
C ALA C 129 2.50 16.48 -22.05
N ARG C 130 3.20 17.28 -22.87
CA ARG C 130 3.27 17.06 -24.30
C ARG C 130 4.62 16.46 -24.72
N HIS C 131 5.11 15.47 -24.00
CA HIS C 131 6.33 14.76 -24.37
C HIS C 131 6.34 13.33 -23.82
N VAL C 140 13.14 11.21 -12.94
CA VAL C 140 12.37 10.56 -14.05
C VAL C 140 10.91 10.67 -13.58
N ASN C 141 9.94 10.21 -14.39
CA ASN C 141 8.51 10.31 -14.14
C ASN C 141 8.02 11.74 -14.32
N LEU C 142 6.78 12.05 -13.90
CA LEU C 142 6.23 13.37 -14.20
C LEU C 142 6.94 14.46 -13.40
N LYS C 143 7.59 14.10 -12.29
CA LYS C 143 8.37 15.06 -11.51
C LYS C 143 9.75 14.47 -11.22
N GLY C 144 10.60 14.43 -12.25
CA GLY C 144 11.99 14.04 -12.14
C GLY C 144 12.91 14.97 -12.90
N ALA C 145 12.64 15.17 -14.20
CA ALA C 145 13.37 16.11 -15.04
C ALA C 145 12.73 17.48 -15.11
N ILE C 146 11.43 17.59 -14.78
CA ILE C 146 10.82 18.91 -14.70
C ILE C 146 11.54 19.78 -13.69
N LEU C 147 12.12 19.17 -12.66
CA LEU C 147 12.76 19.93 -11.59
C LEU C 147 14.08 20.55 -12.03
N THR C 148 14.67 20.08 -13.12
CA THR C 148 15.86 20.70 -13.70
C THR C 148 15.51 21.65 -14.84
N ASP C 149 14.24 21.95 -15.05
CA ASP C 149 13.89 22.93 -16.06
C ASP C 149 14.17 24.32 -15.52
N PRO C 150 14.92 25.15 -16.25
CA PRO C 150 15.36 26.47 -15.74
C PRO C 150 14.24 27.36 -15.24
N ARG C 151 13.02 27.14 -15.72
CA ARG C 151 11.87 27.92 -15.28
C ARG C 151 11.33 27.46 -13.94
N VAL C 152 11.87 26.39 -13.38
CA VAL C 152 11.48 25.91 -12.07
C VAL C 152 12.52 26.42 -11.07
N SER C 153 12.06 26.97 -9.94
CA SER C 153 12.97 27.52 -8.96
C SER C 153 12.64 26.98 -7.58
N SER C 154 13.68 26.91 -6.74
CA SER C 154 13.49 26.62 -5.33
C SER C 154 12.95 27.83 -4.58
N ILE C 155 11.97 27.60 -3.72
CA ILE C 155 11.50 28.61 -2.77
C ILE C 155 11.69 28.12 -1.33
N LYS C 156 12.49 27.06 -1.19
CA LYS C 156 12.78 26.49 0.12
C LYS C 156 13.28 27.55 1.10
N GLU C 157 14.33 28.28 0.74
CA GLU C 157 14.88 29.27 1.67
C GLU C 157 13.86 30.35 2.03
N ASP C 158 13.08 30.83 1.05
CA ASP C 158 12.10 31.88 1.36
C ASP C 158 11.10 31.39 2.37
N LEU C 159 10.65 30.14 2.22
CA LEU C 159 9.70 29.60 3.17
C LEU C 159 10.35 29.43 4.53
N ILE C 160 11.61 28.99 4.53
CA ILE C 160 12.36 28.82 5.77
C ILE C 160 12.60 30.16 6.46
N VAL C 161 13.00 31.17 5.68
CA VAL C 161 13.34 32.47 6.27
C VAL C 161 12.14 33.07 6.98
N ARG C 162 11.04 33.26 6.25
CA ARG C 162 9.89 33.98 6.79
C ARG C 162 9.09 33.13 7.78
N SER C 163 9.25 31.80 7.76
CA SER C 163 8.68 30.92 8.79
C SER C 163 9.62 30.65 9.97
N SER C 164 10.82 31.21 10.01
CA SER C 164 11.77 30.82 11.07
C SER C 164 11.34 31.22 12.48
N SER D 2 -7.16 24.30 30.38
CA SER D 2 -6.71 22.91 30.33
C SER D 2 -5.47 22.69 31.19
N SER D 3 -4.88 21.50 31.03
CA SER D 3 -3.62 21.13 31.66
C SER D 3 -2.46 21.15 30.67
N TYR D 4 -2.64 21.80 29.52
CA TYR D 4 -1.61 21.89 28.50
C TYR D 4 -1.50 23.32 27.97
N ASP D 5 -1.52 24.30 28.88
CA ASP D 5 -1.45 25.71 28.47
C ASP D 5 -0.11 26.07 27.86
N TRP D 6 0.92 25.25 28.09
CA TRP D 6 2.24 25.50 27.51
C TRP D 6 2.26 25.33 26.01
N LEU D 7 1.23 24.72 25.40
CA LEU D 7 1.14 24.68 23.95
C LEU D 7 1.17 26.08 23.34
N ASN D 8 0.64 27.08 24.05
CA ASN D 8 0.68 28.45 23.54
C ASN D 8 2.10 28.94 23.30
N ALA D 9 3.09 28.30 23.90
CA ALA D 9 4.48 28.68 23.70
C ALA D 9 5.11 27.99 22.51
N LEU D 10 4.37 27.13 21.81
CA LEU D 10 4.90 26.51 20.62
C LEU D 10 4.47 27.29 19.39
N ASN D 11 5.33 27.33 18.39
CA ASN D 11 4.97 27.82 17.07
C ASN D 11 4.46 26.65 16.23
N ASN D 12 3.76 26.98 15.15
CA ASN D 12 2.94 25.98 14.46
C ASN D 12 3.77 24.80 13.96
N LEU D 13 5.04 25.04 13.59
CA LEU D 13 5.88 23.91 13.19
C LEU D 13 5.96 22.89 14.32
N GLU D 14 6.22 23.36 15.54
CA GLU D 14 6.41 22.45 16.66
C GLU D 14 5.11 21.78 17.06
N LEU D 15 3.99 22.52 17.00
CA LEU D 15 2.69 21.92 17.23
C LEU D 15 2.44 20.78 16.26
N LEU D 16 2.86 20.94 15.00
CA LEU D 16 2.57 19.92 14.00
C LEU D 16 3.49 18.72 14.15
N SER D 17 4.76 18.96 14.47
CA SER D 17 5.69 17.86 14.74
C SER D 17 5.22 17.07 15.93
N LEU D 18 4.74 17.76 16.96
CA LEU D 18 4.26 17.10 18.16
C LEU D 18 2.99 16.33 17.88
N HIS D 19 2.08 16.94 17.12
CA HIS D 19 0.83 16.27 16.75
C HIS D 19 1.10 14.97 16.01
N SER D 20 2.11 14.95 15.15
CA SER D 20 2.36 13.75 14.36
C SER D 20 3.13 12.70 15.14
N GLU D 21 3.98 13.13 16.07
CA GLU D 21 4.68 12.17 16.92
C GLU D 21 3.75 11.54 17.93
N ILE D 22 2.72 12.27 18.38
CA ILE D 22 1.71 11.68 19.26
C ILE D 22 0.95 10.60 18.51
N LEU D 23 0.49 10.90 17.28
CA LEU D 23 -0.21 9.90 16.50
C LEU D 23 0.68 8.70 16.22
N THR D 24 1.96 8.95 15.87
CA THR D 24 2.90 7.85 15.68
C THR D 24 2.98 6.99 16.94
N GLN D 25 3.14 7.63 18.10
CA GLN D 25 3.18 6.90 19.36
C GLN D 25 1.91 6.06 19.54
N LEU D 26 0.75 6.65 19.27
CA LEU D 26 -0.51 5.93 19.46
C LEU D 26 -0.65 4.76 18.49
N ARG D 27 -0.24 4.92 17.24
CA ARG D 27 -0.26 3.78 16.31
C ARG D 27 0.69 2.69 16.80
N SER D 28 1.87 3.09 17.27
CA SER D 28 2.87 2.11 17.70
C SER D 28 2.33 1.21 18.81
N ARG D 29 1.50 1.77 19.69
CA ARG D 29 0.83 1.01 20.75
C ARG D 29 -0.39 0.24 20.23
N GLY D 30 -0.78 0.43 18.98
CA GLY D 30 -1.96 -0.20 18.44
C GLY D 30 -3.28 0.40 18.89
N VAL D 31 -3.24 1.55 19.55
CA VAL D 31 -4.48 2.16 20.05
C VAL D 31 -5.25 2.80 18.91
N ILE D 32 -4.54 3.36 17.95
CA ILE D 32 -5.12 4.03 16.80
C ILE D 32 -4.63 3.29 15.57
N ARG D 33 -5.48 3.20 14.55
CA ARG D 33 -5.14 2.46 13.34
C ARG D 33 -4.81 3.36 12.16
N THR D 34 -5.32 4.59 12.16
CA THR D 34 -5.04 5.56 11.11
C THR D 34 -4.93 6.93 11.75
N LYS D 35 -4.17 7.81 11.11
CA LYS D 35 -3.96 9.17 11.60
C LYS D 35 -5.16 10.07 11.33
N ASN D 36 -6.23 9.56 10.73
CA ASN D 36 -7.35 10.38 10.29
C ASN D 36 -8.32 10.73 11.43
N ASN D 37 -8.74 9.76 12.21
CA ASN D 37 -9.69 9.98 13.31
C ASN D 37 -9.18 9.28 14.55
N PRO D 38 -8.54 10.02 15.48
CA PRO D 38 -7.98 9.39 16.68
C PRO D 38 -9.00 9.05 17.74
N VAL D 39 -10.00 9.93 17.94
CA VAL D 39 -10.98 9.68 18.99
C VAL D 39 -11.87 8.49 18.62
N GLY D 40 -12.24 8.38 17.34
CA GLY D 40 -13.02 7.22 16.91
C GLY D 40 -12.22 5.93 16.98
N ASP D 41 -10.94 6.00 16.62
CA ASP D 41 -10.09 4.81 16.70
C ASP D 41 -9.87 4.37 18.14
N TYR D 42 -9.67 5.34 19.05
CA TYR D 42 -9.47 4.99 20.45
C TYR D 42 -10.69 4.28 21.03
N ALA D 43 -11.88 4.82 20.75
CA ALA D 43 -13.10 4.21 21.28
C ALA D 43 -13.25 2.77 20.79
N GLU D 44 -12.99 2.54 19.50
CA GLU D 44 -13.06 1.18 18.98
C GLU D 44 -11.98 0.29 19.59
N TRP D 45 -10.82 0.87 19.92
CA TRP D 45 -9.79 0.09 20.59
C TRP D 45 -10.21 -0.30 22.00
N LEU D 46 -10.80 0.64 22.74
CA LEU D 46 -11.31 0.33 24.07
C LEU D 46 -12.43 -0.71 24.00
N VAL D 47 -13.45 -0.45 23.17
CA VAL D 47 -14.61 -1.34 23.11
C VAL D 47 -14.20 -2.74 22.66
N SER D 48 -13.34 -2.82 21.64
CA SER D 48 -12.98 -4.14 21.11
C SER D 48 -12.15 -4.94 22.11
N ASN D 49 -11.28 -4.28 22.87
CA ASN D 49 -10.47 -5.02 23.83
C ASN D 49 -11.27 -5.37 25.08
N ALA D 50 -12.15 -4.47 25.53
CA ALA D 50 -12.90 -4.73 26.75
C ALA D 50 -13.93 -5.83 26.57
N LEU D 51 -14.50 -5.95 25.37
CA LEU D 51 -15.62 -6.85 25.12
C LEU D 51 -15.26 -8.01 24.21
N GLY D 52 -13.98 -8.20 23.90
CA GLY D 52 -13.55 -9.32 23.06
C GLY D 52 -14.09 -9.30 21.65
N MET D 53 -14.00 -8.14 20.99
CA MET D 53 -14.48 -7.95 19.63
C MET D 53 -13.30 -7.77 18.69
N THR D 54 -13.55 -8.02 17.41
CA THR D 54 -12.56 -7.81 16.36
C THR D 54 -12.99 -6.63 15.49
N LEU D 55 -12.10 -5.66 15.33
CA LEU D 55 -12.37 -4.50 14.49
C LEU D 55 -12.25 -4.85 13.01
N LEU D 56 -13.05 -4.14 12.20
CA LEU D 56 -13.02 -4.25 10.76
C LEU D 56 -12.43 -2.97 10.18
N SER D 57 -11.48 -3.11 9.25
CA SER D 57 -10.89 -1.91 8.66
C SER D 57 -11.88 -1.18 7.76
N ASN D 58 -12.94 -1.85 7.33
CA ASN D 58 -13.98 -1.21 6.53
C ASN D 58 -14.78 -0.22 7.37
N GLY D 62 -19.25 -0.89 6.27
CA GLY D 62 -20.38 -0.35 7.01
C GLY D 62 -20.26 -0.56 8.50
N ALA D 63 -20.12 -1.82 8.91
CA ALA D 63 -19.99 -2.15 10.32
C ALA D 63 -18.55 -2.00 10.77
N ASP D 64 -18.36 -1.53 12.01
CA ASP D 64 -17.03 -1.26 12.53
C ASP D 64 -16.36 -2.47 13.15
N ALA D 65 -17.13 -3.46 13.61
CA ALA D 65 -16.54 -4.60 14.28
C ALA D 65 -17.55 -5.73 14.39
N ILE D 66 -17.03 -6.93 14.65
CA ILE D 66 -17.82 -8.12 14.91
C ILE D 66 -17.52 -8.59 16.32
N ASP D 67 -18.56 -8.78 17.13
CA ASP D 67 -18.33 -9.09 18.54
C ASP D 67 -18.08 -10.59 18.71
N ALA D 68 -17.99 -11.03 19.96
CA ALA D 68 -17.67 -12.41 20.28
C ALA D 68 -18.78 -13.38 19.92
N ASP D 69 -19.97 -12.89 19.59
CA ASP D 69 -21.08 -13.73 19.18
C ASP D 69 -21.34 -13.64 17.68
N GLY D 70 -20.50 -12.94 16.93
CA GLY D 70 -20.67 -12.82 15.50
C GLY D 70 -21.62 -11.74 15.04
N LEU D 71 -21.91 -10.76 15.88
CA LEU D 71 -22.88 -9.72 15.55
C LEU D 71 -22.18 -8.47 15.02
N LYS D 72 -22.86 -7.78 14.11
CA LYS D 72 -22.38 -6.50 13.61
C LYS D 72 -22.51 -5.44 14.69
N VAL D 73 -21.45 -4.65 14.85
CA VAL D 73 -21.43 -3.55 15.82
C VAL D 73 -20.96 -2.29 15.12
N GLN D 74 -21.74 -1.23 15.26
CA GLN D 74 -21.30 0.11 14.89
C GLN D 74 -20.85 0.85 16.15
N ILE D 75 -19.77 1.62 16.01
CA ILE D 75 -19.16 2.33 17.12
C ILE D 75 -19.08 3.81 16.78
N LYS D 76 -19.57 4.66 17.68
CA LYS D 76 -19.47 6.10 17.55
C LYS D 76 -18.97 6.68 18.87
N ALA D 77 -18.27 7.81 18.77
CA ALA D 77 -17.72 8.47 19.94
C ALA D 77 -17.93 9.97 19.83
N ARG D 78 -17.97 10.63 20.99
CA ARG D 78 -18.04 12.07 21.07
C ARG D 78 -17.25 12.53 22.29
N ARG D 79 -16.73 13.75 22.25
CA ARG D 79 -16.00 14.32 23.36
C ARG D 79 -16.70 15.60 23.83
N VAL D 80 -16.69 15.82 25.14
CA VAL D 80 -17.38 16.95 25.76
C VAL D 80 -17.01 18.29 25.12
N TYR D 102 -26.02 -4.07 16.69
CA TYR D 102 -26.24 -2.95 17.61
C TYR D 102 -25.17 -1.88 17.47
N LEU D 103 -25.43 -0.73 18.08
CA LEU D 103 -24.49 0.37 18.10
C LEU D 103 -23.96 0.58 19.51
N ILE D 104 -22.66 0.82 19.62
CA ILE D 104 -22.04 1.20 20.88
C ILE D 104 -21.60 2.65 20.75
N ALA D 105 -22.08 3.51 21.64
CA ALA D 105 -21.75 4.93 21.63
C ALA D 105 -21.00 5.28 22.91
N VAL D 106 -19.80 5.84 22.75
CA VAL D 106 -18.98 6.29 23.87
C VAL D 106 -18.93 7.81 23.85
N ILE D 107 -19.07 8.41 25.02
CA ILE D 107 -18.93 9.85 25.19
C ILE D 107 -17.81 10.08 26.19
N PHE D 108 -16.78 10.82 25.78
CA PHE D 108 -15.62 11.10 26.60
C PHE D 108 -15.75 12.47 27.26
N ASP D 109 -15.07 12.62 28.40
CA ASP D 109 -14.85 13.98 28.88
C ASP D 109 -13.66 14.58 28.14
N GLU D 110 -13.38 15.86 28.40
CA GLU D 110 -12.36 16.54 27.61
C GLU D 110 -10.96 16.02 27.88
N THR D 111 -10.75 15.27 28.97
CA THR D 111 -9.45 14.66 29.23
C THR D 111 -9.46 13.15 28.94
N TYR D 112 -10.45 12.67 28.20
CA TYR D 112 -10.53 11.30 27.68
C TYR D 112 -10.68 10.24 28.75
N ASN D 113 -10.95 10.63 29.99
CA ASN D 113 -11.36 9.66 30.99
C ASN D 113 -12.78 9.20 30.67
N ILE D 114 -12.99 7.88 30.76
CA ILE D 114 -14.25 7.30 30.33
C ILE D 114 -15.40 7.85 31.15
N LEU D 115 -16.40 8.42 30.47
CA LEU D 115 -17.64 8.82 31.12
C LEU D 115 -18.56 7.61 31.28
N ASP D 116 -18.98 7.04 30.16
CA ASP D 116 -19.89 5.90 30.17
C ASP D 116 -19.99 5.30 28.77
N ALA D 117 -20.24 3.99 28.73
CA ALA D 117 -20.48 3.26 27.50
C ALA D 117 -21.96 2.92 27.40
N TYR D 118 -22.48 2.93 26.18
CA TYR D 118 -23.88 2.63 25.92
C TYR D 118 -23.98 1.61 24.79
N LYS D 119 -24.66 0.50 25.05
CA LYS D 119 -24.90 -0.55 24.07
C LYS D 119 -26.36 -0.48 23.66
N ILE D 120 -26.62 0.11 22.51
CA ILE D 120 -27.96 0.36 21.99
C ILE D 120 -28.19 -0.53 20.79
N PRO D 121 -29.11 -1.48 20.85
CA PRO D 121 -29.54 -2.18 19.64
C PRO D 121 -30.17 -1.19 18.67
N HIS D 122 -30.23 -1.60 17.39
CA HIS D 122 -30.80 -0.73 16.37
C HIS D 122 -32.21 -0.29 16.76
N GLU D 123 -32.58 0.92 16.33
CA GLU D 123 -33.93 1.45 16.48
C GLU D 123 -34.19 2.35 15.28
N VAL D 124 -35.42 2.28 14.76
CA VAL D 124 -35.79 2.89 13.47
C VAL D 124 -35.18 4.26 13.13
N HIS D 138 -12.85 0.97 30.90
CA HIS D 138 -13.09 -0.25 30.12
C HIS D 138 -14.58 -0.55 30.03
N ILE D 139 -15.03 -1.55 30.78
CA ILE D 139 -16.45 -1.89 30.79
C ILE D 139 -17.13 -1.12 31.92
N VAL D 140 -17.11 0.21 31.82
CA VAL D 140 -17.98 1.03 32.67
C VAL D 140 -19.42 0.58 32.48
N ASN D 141 -19.80 0.25 31.25
CA ASN D 141 -21.11 -0.26 30.93
C ASN D 141 -21.03 -1.15 29.70
#